data_8Y0H
#
_entry.id   8Y0H
#
_cell.length_a   1.00
_cell.length_b   1.00
_cell.length_c   1.00
_cell.angle_alpha   90.00
_cell.angle_beta   90.00
_cell.angle_gamma   90.00
#
_symmetry.space_group_name_H-M   'P 1'
#
loop_
_entity.id
_entity.type
_entity.pdbx_description
1 polymer 'C-X-C chemokine receptor type 3'
2 non-polymer [(1~{R},5~{S})-6,6-dimethyl-2-bicyclo[3.1.1]hept-2-enyl]methyl-[[4-(2-iodanylphenyl)phenyl]methyl]-dimethyl-azanium
#
_entity_poly.entity_id   1
_entity_poly.type   'polypeptide(L)'
_entity_poly.pdbx_seq_one_letter_code
;MGKTIIALSYIFCLVFADYKDDDDAANFTPVNGSSGNQSVRLVTSSSLEVLFQGPGSVLEVSDHQVLNDAEVAALLENFS
SSYDYGENESDSCCTSPPCPQDFSLNFDRAFLPALYSLLFLLGLLGNGAVAAVLLSRRTALSSTDTFLLHLAVADTLLVL
TLPLWAVDAAVQWVFGSGLCKVAGALFNINFYAGALLLACISFDRYLNIVHATQLYRRGPPARVTLTCLAVWGLCLLFAL
PDFIFLSAHHDERLNATHCQYNFPQVGRTALRVLQLVAGFLLPLLVMAYCYAHILAVLLVSRGQRRLRAMRLVVVVVVAF
ALCWTPYHLVVLVDILMDLGALARNCGRESRVDVAKSVTSGLGYMHCCLNPLLYAFVGVKFRERMWMLLLRLGCPNQRGL
QRQPSSSRRDSSWSETSEASYSGL
;
_entity_poly.pdbx_strand_id   R
#
loop_
_chem_comp.id
_chem_comp.type
_chem_comp.name
_chem_comp.formula
A1LW2 non-polymer [(1~{R},5~{S})-6,6-dimethyl-2-bicyclo[3.1.1]hept-2-enyl]methyl-[[4-(2-iodanylphenyl)phenyl]methyl]-dimethyl-azanium 'C25 H31 I N 1'
#
# COMPACT_ATOMS: atom_id res chain seq x y z
N PRO A 113 1.23 8.08 21.65
CA PRO A 113 2.09 8.72 20.66
C PRO A 113 3.45 8.05 20.53
N ALA A 114 3.91 7.40 21.60
CA ALA A 114 5.20 6.72 21.55
C ALA A 114 5.18 5.60 20.52
N LEU A 115 4.09 4.82 20.47
CA LEU A 115 3.98 3.77 19.47
C LEU A 115 3.91 4.37 18.06
N TYR A 116 3.23 5.51 17.91
CA TYR A 116 3.23 6.19 16.62
C TYR A 116 4.65 6.52 16.19
N SER A 117 5.43 7.14 17.07
CA SER A 117 6.80 7.50 16.72
C SER A 117 7.65 6.26 16.45
N LEU A 118 7.49 5.22 17.25
CA LEU A 118 8.24 3.99 17.02
C LEU A 118 7.90 3.41 15.66
N LEU A 119 6.61 3.43 15.29
CA LEU A 119 6.22 3.00 13.96
C LEU A 119 6.91 3.82 12.89
N PHE A 120 7.00 5.13 13.12
CA PHE A 120 7.64 6.04 12.18
C PHE A 120 9.11 5.69 11.96
N LEU A 121 9.86 5.51 13.06
CA LEU A 121 11.29 5.26 12.94
C LEU A 121 11.56 3.96 12.19
N LEU A 122 10.87 2.88 12.56
CA LEU A 122 11.08 1.60 11.89
C LEU A 122 10.74 1.69 10.41
N GLY A 123 9.62 2.34 10.09
CA GLY A 123 9.21 2.48 8.71
C GLY A 123 10.24 3.20 7.87
N LEU A 124 10.73 4.33 8.36
CA LEU A 124 11.77 5.07 7.65
C LEU A 124 13.04 4.25 7.49
N LEU A 125 13.47 3.61 8.58
CA LEU A 125 14.69 2.82 8.57
C LEU A 125 14.56 1.62 7.65
N GLY A 126 13.44 0.90 7.75
CA GLY A 126 13.28 -0.31 6.95
C GLY A 126 13.23 -0.02 5.46
N ASN A 127 12.33 0.85 5.04
CA ASN A 127 12.20 1.15 3.62
C ASN A 127 13.45 1.85 3.08
N GLY A 128 14.01 2.77 3.87
CA GLY A 128 15.21 3.45 3.42
C GLY A 128 16.35 2.49 3.13
N ALA A 129 16.52 1.48 3.98
CA ALA A 129 17.56 0.49 3.74
C ALA A 129 17.28 -0.29 2.45
N VAL A 130 16.02 -0.69 2.25
CA VAL A 130 15.68 -1.46 1.06
C VAL A 130 15.97 -0.65 -0.20
N ALA A 131 15.55 0.62 -0.21
CA ALA A 131 15.86 1.47 -1.36
C ALA A 131 17.36 1.67 -1.49
N ALA A 132 18.06 1.84 -0.36
CA ALA A 132 19.51 2.04 -0.43
C ALA A 132 20.20 0.82 -1.03
N VAL A 133 19.81 -0.37 -0.60
CA VAL A 133 20.47 -1.58 -1.10
C VAL A 133 20.25 -1.75 -2.59
N LEU A 134 19.02 -1.55 -3.05
CA LEU A 134 18.72 -1.77 -4.46
C LEU A 134 19.37 -0.71 -5.34
N LEU A 135 19.63 0.47 -4.79
CA LEU A 135 20.28 1.54 -5.55
C LEU A 135 21.80 1.45 -5.52
N SER A 136 22.36 0.47 -4.81
CA SER A 136 23.79 0.24 -4.79
C SER A 136 24.23 -0.82 -5.80
N ARG A 137 23.37 -1.18 -6.75
CA ARG A 137 23.72 -2.16 -7.76
C ARG A 137 24.27 -1.47 -9.01
N ARG A 138 25.40 -1.97 -9.51
CA ARG A 138 26.08 -1.39 -10.65
C ARG A 138 25.57 -1.94 -11.98
N THR A 139 24.60 -2.84 -11.96
CA THR A 139 24.15 -3.50 -13.18
C THR A 139 22.62 -3.52 -13.18
N ALA A 140 22.05 -4.28 -14.11
CA ALA A 140 20.61 -4.32 -14.27
C ALA A 140 19.94 -4.92 -13.03
N LEU A 141 18.69 -4.53 -12.80
CA LEU A 141 17.91 -5.00 -11.67
C LEU A 141 16.74 -5.83 -12.18
N SER A 142 16.53 -6.99 -11.57
CA SER A 142 15.44 -7.87 -11.97
C SER A 142 14.11 -7.14 -11.91
N SER A 143 13.10 -7.65 -12.60
CA SER A 143 11.80 -6.99 -12.62
C SER A 143 11.25 -6.82 -11.21
N THR A 144 11.24 -7.91 -10.44
CA THR A 144 10.75 -7.82 -9.07
C THR A 144 11.61 -6.88 -8.24
N ASP A 145 12.91 -6.79 -8.53
CA ASP A 145 13.76 -5.85 -7.81
C ASP A 145 13.34 -4.42 -8.10
N THR A 146 13.05 -4.11 -9.37
CA THR A 146 12.59 -2.78 -9.73
C THR A 146 11.28 -2.45 -9.03
N PHE A 147 10.34 -3.40 -9.05
CA PHE A 147 9.06 -3.17 -8.39
C PHE A 147 9.24 -2.97 -6.90
N LEU A 148 10.13 -3.74 -6.28
CA LEU A 148 10.38 -3.60 -4.85
C LEU A 148 10.98 -2.25 -4.52
N LEU A 149 11.91 -1.77 -5.35
CA LEU A 149 12.49 -0.45 -5.12
C LEU A 149 11.42 0.63 -5.22
N HIS A 150 10.57 0.55 -6.24
CA HIS A 150 9.51 1.55 -6.39
C HIS A 150 8.54 1.49 -5.22
N LEU A 151 8.22 0.28 -4.76
CA LEU A 151 7.35 0.13 -3.60
C LEU A 151 8.00 0.74 -2.36
N ALA A 152 9.30 0.55 -2.19
CA ALA A 152 10.00 1.14 -1.05
C ALA A 152 9.93 2.66 -1.10
N VAL A 153 10.15 3.23 -2.28
CA VAL A 153 10.06 4.69 -2.41
C VAL A 153 8.65 5.17 -2.05
N ALA A 154 7.64 4.48 -2.60
CA ALA A 154 6.26 4.88 -2.35
C ALA A 154 5.93 4.79 -0.87
N ASP A 155 6.36 3.72 -0.21
CA ASP A 155 6.07 3.56 1.20
C ASP A 155 6.82 4.58 2.04
N THR A 156 8.04 4.94 1.66
CA THR A 156 8.75 6.00 2.37
C THR A 156 7.97 7.31 2.29
N LEU A 157 7.51 7.67 1.09
CA LEU A 157 6.73 8.88 0.93
C LEU A 157 5.45 8.81 1.75
N LEU A 158 4.81 7.64 1.76
CA LEU A 158 3.56 7.47 2.48
C LEU A 158 3.74 7.57 4.00
N VAL A 159 4.83 7.01 4.53
CA VAL A 159 5.08 7.08 5.97
C VAL A 159 5.55 8.46 6.39
N LEU A 160 6.07 9.25 5.45
CA LEU A 160 6.46 10.61 5.80
C LEU A 160 5.29 11.40 6.38
N THR A 161 4.05 11.00 6.08
CA THR A 161 2.88 11.74 6.53
C THR A 161 2.30 11.23 7.85
N LEU A 162 2.90 10.22 8.46
CA LEU A 162 2.38 9.64 9.69
C LEU A 162 2.16 10.69 10.77
N PRO A 163 3.16 11.53 11.07
CA PRO A 163 2.95 12.52 12.15
C PRO A 163 1.75 13.42 11.88
N LEU A 164 1.57 13.79 10.61
CA LEU A 164 0.44 14.64 10.24
C LEU A 164 -0.89 13.97 10.57
N TRP A 165 -1.03 12.71 10.14
CA TRP A 165 -2.27 11.99 10.40
C TRP A 165 -2.51 11.83 11.89
N ALA A 166 -1.45 11.49 12.64
CA ALA A 166 -1.59 11.32 14.08
C ALA A 166 -2.06 12.61 14.74
N VAL A 167 -1.41 13.72 14.41
CA VAL A 167 -1.77 15.01 15.01
C VAL A 167 -3.21 15.37 14.64
N ASP A 168 -3.58 15.15 13.37
CA ASP A 168 -4.92 15.48 12.94
C ASP A 168 -5.96 14.67 13.69
N ALA A 169 -5.72 13.36 13.82
CA ALA A 169 -6.68 12.52 14.52
C ALA A 169 -6.73 12.83 16.01
N ALA A 170 -5.63 13.32 16.58
CA ALA A 170 -5.57 13.58 18.00
C ALA A 170 -6.31 14.86 18.39
N VAL A 171 -5.90 16.02 17.84
CA VAL A 171 -6.48 17.31 18.20
C VAL A 171 -7.25 17.93 17.05
N GLN A 172 -6.53 18.35 16.01
CA GLN A 172 -7.16 18.95 14.83
C GLN A 172 -6.12 19.33 13.79
N TRP A 173 -6.54 19.51 12.54
CA TRP A 173 -5.67 20.08 11.52
C TRP A 173 -5.46 21.56 11.82
N VAL A 174 -4.20 21.98 11.86
CA VAL A 174 -3.85 23.36 12.19
C VAL A 174 -2.83 23.90 11.20
N PHE A 175 -2.61 23.18 10.11
CA PHE A 175 -1.59 23.54 9.13
C PHE A 175 -2.15 24.23 7.91
N GLY A 176 -3.44 24.53 7.86
CA GLY A 176 -4.03 25.22 6.73
C GLY A 176 -4.43 24.27 5.61
N SER A 177 -5.13 24.85 4.63
CA SER A 177 -5.69 24.06 3.54
C SER A 177 -4.64 23.69 2.50
N GLY A 178 -3.66 24.55 2.24
CA GLY A 178 -2.64 24.21 1.26
C GLY A 178 -1.86 22.97 1.63
N LEU A 179 -1.44 22.88 2.88
CA LEU A 179 -0.74 21.69 3.34
C LEU A 179 -1.64 20.48 3.27
N CYS A 180 -2.95 20.66 3.49
CA CYS A 180 -3.92 19.63 3.19
C CYS A 180 -3.85 19.14 1.75
N LYS A 181 -3.90 20.06 0.79
CA LYS A 181 -3.90 19.64 -0.61
C LYS A 181 -2.64 18.84 -0.90
N VAL A 182 -1.50 19.35 -0.45
CA VAL A 182 -0.22 18.71 -0.76
C VAL A 182 -0.17 17.32 -0.12
N ALA A 183 -0.49 17.25 1.17
CA ALA A 183 -0.40 15.97 1.88
C ALA A 183 -1.39 14.96 1.34
N GLY A 184 -2.61 15.40 1.01
CA GLY A 184 -3.60 14.49 0.47
C GLY A 184 -3.18 13.94 -0.88
N ALA A 185 -2.64 14.79 -1.74
CA ALA A 185 -2.13 14.31 -3.02
C ALA A 185 -1.02 13.30 -2.81
N LEU A 186 -0.07 13.62 -1.91
CA LEU A 186 1.02 12.71 -1.60
C LEU A 186 0.46 11.35 -1.18
N PHE A 187 -0.46 11.37 -0.22
CA PHE A 187 -0.98 10.13 0.34
C PHE A 187 -1.72 9.31 -0.71
N ASN A 188 -2.59 9.95 -1.50
CA ASN A 188 -3.34 9.21 -2.50
C ASN A 188 -2.41 8.60 -3.53
N ILE A 189 -1.44 9.38 -4.02
CA ILE A 189 -0.50 8.86 -5.01
C ILE A 189 0.22 7.64 -4.46
N ASN A 190 0.76 7.77 -3.24
CA ASN A 190 1.58 6.70 -2.69
C ASN A 190 0.73 5.48 -2.35
N PHE A 191 -0.50 5.69 -1.89
CA PHE A 191 -1.39 4.58 -1.56
C PHE A 191 -1.71 3.76 -2.81
N TYR A 192 -2.15 4.44 -3.87
CA TYR A 192 -2.46 3.72 -5.11
C TYR A 192 -1.21 3.06 -5.68
N ALA A 193 -0.06 3.73 -5.57
CA ALA A 193 1.19 3.14 -6.05
C ALA A 193 1.52 1.87 -5.29
N GLY A 194 1.38 1.90 -3.96
CA GLY A 194 1.65 0.70 -3.18
C GLY A 194 0.74 -0.44 -3.57
N ALA A 195 -0.55 -0.17 -3.70
CA ALA A 195 -1.48 -1.23 -4.08
C ALA A 195 -1.12 -1.82 -5.44
N LEU A 196 -0.94 -0.96 -6.44
CA LEU A 196 -0.70 -1.46 -7.79
C LEU A 196 0.65 -2.14 -7.90
N LEU A 197 1.65 -1.69 -7.15
CA LEU A 197 2.95 -2.34 -7.17
C LEU A 197 2.92 -3.69 -6.46
N LEU A 198 2.15 -3.82 -5.37
CA LEU A 198 1.96 -5.12 -4.76
C LEU A 198 1.24 -6.08 -5.68
N ALA A 199 0.33 -5.58 -6.51
CA ALA A 199 -0.28 -6.42 -7.53
C ALA A 199 0.69 -6.80 -8.65
N CYS A 200 1.50 -5.86 -9.10
CA CYS A 200 2.43 -6.12 -10.20
C CYS A 200 3.52 -7.08 -9.79
N ILE A 201 3.98 -7.00 -8.54
CA ILE A 201 4.98 -7.96 -8.05
C ILE A 201 4.41 -9.37 -8.10
N SER A 202 3.15 -9.53 -7.67
CA SER A 202 2.52 -10.84 -7.70
C SER A 202 2.34 -11.33 -9.14
N PHE A 203 1.99 -10.43 -10.06
CA PHE A 203 1.87 -10.84 -11.46
C PHE A 203 3.21 -11.29 -12.01
N ASP A 204 4.29 -10.56 -11.68
CA ASP A 204 5.61 -10.97 -12.13
C ASP A 204 5.98 -12.34 -11.57
N ARG A 205 5.69 -12.57 -10.28
CA ARG A 205 5.97 -13.87 -9.68
C ARG A 205 5.20 -14.96 -10.39
N TYR A 206 3.93 -14.71 -10.71
CA TYR A 206 3.13 -15.68 -11.44
C TYR A 206 3.76 -15.99 -12.79
N LEU A 207 4.06 -14.95 -13.56
CA LEU A 207 4.63 -15.15 -14.88
C LEU A 207 5.97 -15.88 -14.83
N ASN A 208 6.72 -15.72 -13.74
CA ASN A 208 8.05 -16.33 -13.65
C ASN A 208 8.04 -17.73 -13.05
N ILE A 209 6.99 -18.08 -12.29
CA ILE A 209 6.95 -19.36 -11.59
C ILE A 209 5.95 -20.34 -12.17
N VAL A 210 4.89 -19.87 -12.82
CA VAL A 210 3.87 -20.73 -13.41
C VAL A 210 4.13 -20.97 -14.89
N HIS A 211 4.46 -19.91 -15.62
CA HIS A 211 4.82 -19.99 -17.03
C HIS A 211 6.33 -20.00 -17.21
N ALA A 212 7.06 -20.51 -16.20
CA ALA A 212 8.51 -20.37 -16.20
C ALA A 212 9.14 -20.92 -17.47
N THR A 213 8.62 -22.02 -17.99
CA THR A 213 9.17 -22.61 -19.20
C THR A 213 8.93 -21.75 -20.44
N GLN A 214 7.84 -20.97 -20.46
CA GLN A 214 7.49 -20.16 -21.62
C GLN A 214 8.13 -18.77 -21.58
N LEU A 215 8.77 -18.39 -20.48
CA LEU A 215 9.41 -17.09 -20.34
C LEU A 215 10.90 -17.20 -20.02
N TYR A 216 11.53 -18.33 -20.35
CA TYR A 216 12.95 -18.48 -20.06
C TYR A 216 13.77 -17.50 -20.87
N ARG A 217 14.78 -16.91 -20.23
CA ARG A 217 15.69 -15.97 -20.86
C ARG A 217 17.10 -16.29 -20.41
N ARG A 218 18.05 -16.25 -21.35
CA ARG A 218 19.43 -16.67 -21.07
C ARG A 218 20.21 -15.47 -20.55
N GLY A 219 19.70 -14.89 -19.47
CA GLY A 219 20.39 -13.82 -18.78
C GLY A 219 20.33 -12.43 -19.36
N PRO A 220 19.26 -12.07 -20.08
CA PRO A 220 19.03 -10.66 -20.39
C PRO A 220 18.12 -10.03 -19.36
N PRO A 221 18.40 -8.81 -18.91
CA PRO A 221 17.49 -8.16 -17.97
C PRO A 221 16.29 -7.54 -18.67
N ALA A 222 15.12 -8.15 -18.51
CA ALA A 222 13.91 -7.64 -19.13
C ALA A 222 13.55 -6.31 -18.48
N ARG A 223 13.58 -5.23 -19.27
CA ARG A 223 13.26 -3.92 -18.71
C ARG A 223 11.75 -3.82 -18.47
N VAL A 224 11.40 -3.19 -17.35
CA VAL A 224 10.02 -3.10 -16.92
C VAL A 224 9.64 -1.66 -16.60
N THR A 225 10.42 -0.71 -17.13
CA THR A 225 10.18 0.69 -16.82
C THR A 225 8.80 1.15 -17.31
N LEU A 226 8.31 0.55 -18.38
CA LEU A 226 7.03 0.97 -18.94
C LEU A 226 5.91 0.82 -17.91
N THR A 227 5.83 -0.35 -17.28
CA THR A 227 4.76 -0.58 -16.31
C THR A 227 4.89 0.34 -15.11
N CYS A 228 6.12 0.58 -14.66
CA CYS A 228 6.33 1.48 -13.52
C CYS A 228 5.85 2.88 -13.83
N LEU A 229 6.24 3.41 -15.00
CA LEU A 229 5.80 4.74 -15.37
C LEU A 229 4.29 4.81 -15.53
N ALA A 230 3.69 3.77 -16.14
CA ALA A 230 2.25 3.75 -16.30
C ALA A 230 1.56 3.76 -14.94
N VAL A 231 2.06 2.98 -13.99
CA VAL A 231 1.47 2.92 -12.66
C VAL A 231 1.55 4.29 -11.99
N TRP A 232 2.73 4.92 -12.05
CA TRP A 232 2.90 6.20 -11.38
C TRP A 232 2.01 7.27 -12.00
N GLY A 233 1.94 7.30 -13.34
CA GLY A 233 1.09 8.27 -14.01
C GLY A 233 -0.38 8.08 -13.69
N LEU A 234 -0.83 6.83 -13.71
CA LEU A 234 -2.21 6.54 -13.38
C LEU A 234 -2.51 6.94 -11.94
N CYS A 235 -1.56 6.71 -11.03
CA CYS A 235 -1.75 7.10 -9.64
C CYS A 235 -1.88 8.61 -9.51
N LEU A 236 -1.03 9.35 -10.22
CA LEU A 236 -1.11 10.81 -10.19
C LEU A 236 -2.47 11.28 -10.70
N LEU A 237 -2.93 10.71 -11.82
CA LEU A 237 -4.21 11.12 -12.38
C LEU A 237 -5.36 10.74 -11.45
N PHE A 238 -5.25 9.62 -10.75
CA PHE A 238 -6.26 9.26 -9.76
C PHE A 238 -6.28 10.24 -8.61
N ALA A 239 -5.10 10.70 -8.17
CA ALA A 239 -5.02 11.58 -7.01
C ALA A 239 -5.35 13.02 -7.37
N LEU A 240 -5.41 13.34 -8.66
CA LEU A 240 -5.74 14.69 -9.13
C LEU A 240 -6.75 15.41 -8.24
N PRO A 241 -7.92 14.80 -7.94
CA PRO A 241 -8.96 15.54 -7.22
C PRO A 241 -8.49 16.16 -5.90
N ASP A 242 -7.49 15.56 -5.26
CA ASP A 242 -6.99 16.09 -4.01
C ASP A 242 -6.39 17.49 -4.20
N PHE A 243 -5.67 17.69 -5.30
CA PHE A 243 -5.08 19.00 -5.57
C PHE A 243 -6.12 20.10 -5.65
N ILE A 244 -7.37 19.77 -5.97
CA ILE A 244 -8.40 20.75 -6.26
C ILE A 244 -9.36 20.93 -5.09
N PHE A 245 -9.81 19.82 -4.49
CA PHE A 245 -11.00 19.85 -3.64
C PHE A 245 -10.69 19.77 -2.15
N LEU A 246 -9.80 18.85 -1.76
CA LEU A 246 -9.49 18.66 -0.35
C LEU A 246 -9.17 19.99 0.32
N SER A 247 -9.82 20.28 1.44
CA SER A 247 -9.61 21.52 2.17
C SER A 247 -9.87 21.25 3.65
N ALA A 248 -10.00 22.32 4.44
CA ALA A 248 -10.25 22.23 5.88
C ALA A 248 -11.61 22.85 6.17
N HIS A 249 -12.54 22.06 6.68
CA HIS A 249 -13.87 22.53 6.99
C HIS A 249 -14.07 22.67 8.50
N HIS A 250 -15.00 23.55 8.86
CA HIS A 250 -15.39 23.75 10.26
C HIS A 250 -16.73 23.05 10.46
N ASP A 251 -16.68 21.82 10.96
CA ASP A 251 -17.89 21.03 11.14
C ASP A 251 -18.73 21.56 12.30
N GLU A 252 -20.04 21.32 12.20
CA GLU A 252 -20.98 21.64 13.27
C GLU A 252 -21.41 20.40 14.05
N ARG A 253 -21.05 19.20 13.58
CA ARG A 253 -21.43 17.96 14.23
C ARG A 253 -20.47 17.58 15.34
N LEU A 254 -19.17 17.78 15.14
CA LEU A 254 -18.16 17.44 16.14
C LEU A 254 -17.51 18.65 16.79
N ASN A 255 -17.73 19.85 16.26
CA ASN A 255 -17.11 21.07 16.77
C ASN A 255 -15.60 21.04 16.64
N ALA A 256 -15.08 20.18 15.77
CA ALA A 256 -13.66 20.06 15.52
C ALA A 256 -13.33 20.62 14.13
N THR A 257 -12.07 20.54 13.74
CA THR A 257 -11.63 21.02 12.43
C THR A 257 -10.70 19.96 11.85
N HIS A 258 -11.13 19.33 10.77
CA HIS A 258 -10.38 18.26 10.12
C HIS A 258 -10.15 18.61 8.65
N CYS A 259 -9.49 17.70 7.94
CA CYS A 259 -9.27 17.83 6.51
C CYS A 259 -10.23 16.88 5.79
N GLN A 260 -11.12 17.43 4.99
CA GLN A 260 -12.20 16.68 4.35
C GLN A 260 -12.43 17.21 2.95
N TYR A 261 -13.34 16.54 2.23
CA TYR A 261 -13.73 16.96 0.90
C TYR A 261 -14.89 17.95 0.98
N ASN A 262 -15.16 18.62 -0.14
CA ASN A 262 -16.32 19.51 -0.28
C ASN A 262 -17.12 19.12 -1.51
N PHE A 263 -17.10 17.84 -1.86
CA PHE A 263 -17.93 17.29 -2.92
C PHE A 263 -19.37 17.16 -2.46
N PRO A 264 -20.32 17.02 -3.38
CA PRO A 264 -21.66 16.58 -2.97
C PRO A 264 -21.60 15.14 -2.46
N GLN A 265 -22.54 14.83 -1.56
CA GLN A 265 -22.54 13.51 -0.93
C GLN A 265 -22.53 12.40 -1.97
N VAL A 266 -23.21 12.61 -3.10
CA VAL A 266 -23.15 11.63 -4.18
C VAL A 266 -21.74 11.54 -4.75
N GLY A 267 -21.08 12.68 -4.89
CA GLY A 267 -19.68 12.65 -5.32
C GLY A 267 -18.79 11.94 -4.33
N ARG A 268 -19.04 12.14 -3.03
CA ARG A 268 -18.28 11.42 -2.01
C ARG A 268 -18.50 9.92 -2.15
N THR A 269 -19.74 9.50 -2.38
CA THR A 269 -20.04 8.09 -2.57
C THR A 269 -19.30 7.54 -3.80
N ALA A 270 -19.31 8.31 -4.90
CA ALA A 270 -18.62 7.87 -6.10
C ALA A 270 -17.12 7.71 -5.84
N LEU A 271 -16.52 8.68 -5.16
CA LEU A 271 -15.10 8.58 -4.84
C LEU A 271 -14.81 7.38 -3.96
N ARG A 272 -15.66 7.14 -2.96
CA ARG A 272 -15.45 5.99 -2.07
C ARG A 272 -15.55 4.68 -2.84
N VAL A 273 -16.53 4.58 -3.75
CA VAL A 273 -16.66 3.37 -4.55
C VAL A 273 -15.45 3.19 -5.44
N LEU A 274 -14.95 4.29 -6.02
CA LEU A 274 -13.75 4.18 -6.85
C LEU A 274 -12.57 3.68 -6.04
N GLN A 275 -12.39 4.21 -4.83
CA GLN A 275 -11.33 3.75 -3.95
C GLN A 275 -11.47 2.26 -3.67
N LEU A 276 -12.69 1.84 -3.33
CA LEU A 276 -12.93 0.45 -2.98
C LEU A 276 -12.61 -0.48 -4.14
N VAL A 277 -13.04 -0.11 -5.35
CA VAL A 277 -12.94 -1.01 -6.49
C VAL A 277 -11.65 -0.85 -7.27
N ALA A 278 -10.82 0.13 -6.95
CA ALA A 278 -9.54 0.31 -7.63
C ALA A 278 -8.33 0.21 -6.72
N GLY A 279 -8.52 0.13 -5.40
CA GLY A 279 -7.40 0.02 -4.49
C GLY A 279 -7.36 -1.29 -3.74
N PHE A 280 -8.53 -1.92 -3.55
CA PHE A 280 -8.62 -3.16 -2.80
C PHE A 280 -9.07 -4.32 -3.68
N LEU A 281 -10.22 -4.22 -4.36
CA LEU A 281 -10.79 -5.38 -5.01
C LEU A 281 -9.92 -5.90 -6.15
N LEU A 282 -9.54 -5.04 -7.07
CA LEU A 282 -8.74 -5.49 -8.21
C LEU A 282 -7.37 -6.01 -7.79
N PRO A 283 -6.58 -5.27 -6.99
CA PRO A 283 -5.31 -5.81 -6.52
C PRO A 283 -5.49 -7.12 -5.77
N LEU A 284 -6.55 -7.21 -4.95
CA LEU A 284 -6.78 -8.41 -4.17
C LEU A 284 -7.06 -9.61 -5.07
N LEU A 285 -7.90 -9.42 -6.08
CA LEU A 285 -8.21 -10.51 -6.99
C LEU A 285 -6.98 -10.94 -7.77
N VAL A 286 -6.18 -9.97 -8.24
CA VAL A 286 -4.97 -10.31 -8.98
C VAL A 286 -4.03 -11.11 -8.09
N MET A 287 -3.83 -10.65 -6.86
CA MET A 287 -2.97 -11.35 -5.92
C MET A 287 -3.48 -12.75 -5.66
N ALA A 288 -4.79 -12.89 -5.44
CA ALA A 288 -5.37 -14.18 -5.14
C ALA A 288 -5.10 -15.16 -6.29
N TYR A 289 -5.45 -14.76 -7.51
CA TYR A 289 -5.25 -15.63 -8.65
C TYR A 289 -3.79 -16.04 -8.78
N CYS A 290 -2.89 -15.04 -8.80
CA CYS A 290 -1.48 -15.29 -9.02
C CYS A 290 -0.91 -16.20 -7.94
N TYR A 291 -1.12 -15.86 -6.67
CA TYR A 291 -0.49 -16.62 -5.60
C TYR A 291 -1.12 -17.99 -5.43
N ALA A 292 -2.43 -18.13 -5.67
CA ALA A 292 -3.04 -19.45 -5.63
C ALA A 292 -2.46 -20.36 -6.69
N HIS A 293 -2.28 -19.86 -7.92
CA HIS A 293 -1.65 -20.69 -8.94
C HIS A 293 -0.20 -20.97 -8.62
N ILE A 294 0.49 -20.00 -7.99
CA ILE A 294 1.87 -20.25 -7.57
C ILE A 294 1.91 -21.40 -6.58
N LEU A 295 1.00 -21.39 -5.60
CA LEU A 295 0.93 -22.49 -4.63
C LEU A 295 0.64 -23.80 -5.34
N ALA A 296 -0.30 -23.78 -6.29
CA ALA A 296 -0.68 -25.00 -6.99
C ALA A 296 0.50 -25.60 -7.73
N VAL A 297 1.30 -24.75 -8.38
CA VAL A 297 2.46 -25.25 -9.12
C VAL A 297 3.53 -25.75 -8.16
N LEU A 298 3.80 -24.97 -7.11
CA LEU A 298 4.88 -25.34 -6.19
C LEU A 298 4.57 -26.66 -5.48
N LEU A 299 3.31 -26.90 -5.12
CA LEU A 299 2.95 -28.16 -4.47
C LEU A 299 3.08 -29.36 -5.37
N VAL A 300 3.27 -29.15 -6.68
CA VAL A 300 3.44 -30.24 -7.63
C VAL A 300 4.86 -30.23 -8.22
N SER A 301 5.80 -29.56 -7.56
CA SER A 301 7.18 -29.50 -8.01
C SER A 301 8.03 -30.50 -7.23
N ARG A 302 9.34 -30.46 -7.46
CA ARG A 302 10.28 -31.33 -6.76
C ARG A 302 11.49 -30.51 -6.35
N GLY A 303 11.70 -30.36 -5.05
CA GLY A 303 12.83 -29.61 -4.55
C GLY A 303 12.68 -29.34 -3.08
N GLN A 304 13.73 -28.75 -2.51
CA GLN A 304 13.76 -28.39 -1.10
C GLN A 304 13.46 -26.91 -0.88
N ARG A 305 13.25 -26.13 -1.94
CA ARG A 305 12.93 -24.72 -1.83
C ARG A 305 11.45 -24.44 -1.97
N ARG A 306 10.65 -25.40 -2.41
CA ARG A 306 9.21 -25.21 -2.53
C ARG A 306 8.57 -24.96 -1.17
N LEU A 307 9.11 -25.55 -0.11
CA LEU A 307 8.54 -25.40 1.23
C LEU A 307 8.49 -23.94 1.64
N ARG A 308 9.66 -23.31 1.74
CA ARG A 308 9.71 -21.90 2.11
C ARG A 308 8.97 -21.03 1.11
N ALA A 309 8.93 -21.44 -0.16
CA ALA A 309 8.20 -20.66 -1.15
C ALA A 309 6.72 -20.61 -0.82
N MET A 310 6.10 -21.77 -0.58
CA MET A 310 4.69 -21.79 -0.20
C MET A 310 4.47 -21.03 1.10
N ARG A 311 5.35 -21.25 2.08
CA ARG A 311 5.15 -20.59 3.38
C ARG A 311 5.20 -19.08 3.24
N LEU A 312 6.19 -18.57 2.49
CA LEU A 312 6.30 -17.13 2.30
C LEU A 312 5.11 -16.57 1.53
N VAL A 313 4.66 -17.29 0.49
CA VAL A 313 3.51 -16.81 -0.28
C VAL A 313 2.28 -16.73 0.61
N VAL A 314 2.05 -17.77 1.41
CA VAL A 314 0.88 -17.80 2.30
C VAL A 314 0.97 -16.66 3.31
N VAL A 315 2.16 -16.45 3.88
CA VAL A 315 2.33 -15.37 4.86
C VAL A 315 2.04 -14.03 4.22
N VAL A 316 2.54 -13.82 3.00
CA VAL A 316 2.32 -12.54 2.32
C VAL A 316 0.83 -12.32 2.08
N VAL A 317 0.14 -13.35 1.58
CA VAL A 317 -1.29 -13.20 1.28
C VAL A 317 -2.08 -12.93 2.55
N VAL A 318 -1.76 -13.67 3.62
CA VAL A 318 -2.47 -13.48 4.89
C VAL A 318 -2.23 -12.08 5.44
N ALA A 319 -0.98 -11.62 5.36
CA ALA A 319 -0.67 -10.27 5.84
C ALA A 319 -1.47 -9.23 5.07
N PHE A 320 -1.45 -9.32 3.73
CA PHE A 320 -2.20 -8.36 2.93
C PHE A 320 -3.67 -8.37 3.30
N ALA A 321 -4.27 -9.56 3.38
CA ALA A 321 -5.69 -9.65 3.69
C ALA A 321 -5.99 -9.04 5.05
N LEU A 322 -5.35 -9.55 6.09
CA LEU A 322 -5.69 -9.12 7.45
C LEU A 322 -5.13 -7.75 7.81
N CYS A 323 -4.43 -7.08 6.90
CA CYS A 323 -4.03 -5.70 7.13
C CYS A 323 -4.76 -4.70 6.26
N TRP A 324 -5.35 -5.13 5.14
CA TRP A 324 -6.07 -4.21 4.27
C TRP A 324 -7.58 -4.35 4.40
N THR A 325 -8.09 -5.58 4.54
CA THR A 325 -9.54 -5.80 4.57
C THR A 325 -10.26 -4.94 5.59
N PRO A 326 -9.74 -4.73 6.81
CA PRO A 326 -10.51 -3.94 7.79
C PRO A 326 -10.83 -2.52 7.34
N TYR A 327 -9.85 -1.79 6.81
CA TYR A 327 -10.08 -0.41 6.43
C TYR A 327 -11.12 -0.31 5.31
N HIS A 328 -11.00 -1.17 4.30
CA HIS A 328 -11.96 -1.12 3.21
C HIS A 328 -13.33 -1.67 3.62
N LEU A 329 -13.37 -2.55 4.61
CA LEU A 329 -14.65 -2.94 5.20
C LEU A 329 -15.31 -1.75 5.87
N VAL A 330 -14.53 -0.95 6.59
CA VAL A 330 -15.07 0.27 7.20
C VAL A 330 -15.54 1.23 6.12
N VAL A 331 -14.78 1.34 5.03
CA VAL A 331 -15.17 2.22 3.94
C VAL A 331 -16.49 1.77 3.33
N LEU A 332 -16.65 0.46 3.14
CA LEU A 332 -17.92 -0.07 2.64
C LEU A 332 -19.04 0.20 3.63
N VAL A 333 -18.76 0.11 4.93
CA VAL A 333 -19.77 0.43 5.93
C VAL A 333 -20.22 1.87 5.79
N ASP A 334 -19.27 2.78 5.61
CA ASP A 334 -19.60 4.19 5.43
C ASP A 334 -20.41 4.40 4.15
N ILE A 335 -20.02 3.73 3.07
CA ILE A 335 -20.76 3.84 1.82
C ILE A 335 -22.19 3.38 2.02
N LEU A 336 -22.37 2.26 2.71
CA LEU A 336 -23.72 1.75 2.96
C LEU A 336 -24.52 2.72 3.81
N MET A 337 -23.90 3.27 4.86
CA MET A 337 -24.57 4.27 5.68
C MET A 337 -24.94 5.52 4.91
N ASP A 338 -24.21 5.84 3.84
CA ASP A 338 -24.56 6.95 2.96
C ASP A 338 -25.48 6.55 1.82
N LEU A 339 -25.72 5.25 1.62
CA LEU A 339 -26.57 4.77 0.53
C LEU A 339 -27.97 4.42 0.98
N GLY A 340 -28.30 4.64 2.25
CA GLY A 340 -29.62 4.33 2.76
C GLY A 340 -29.81 2.90 3.22
N ALA A 341 -28.82 2.04 3.04
CA ALA A 341 -28.92 0.65 3.50
C ALA A 341 -28.78 0.52 5.00
N LEU A 342 -28.13 1.47 5.66
CA LEU A 342 -27.92 1.44 7.10
C LEU A 342 -28.40 2.75 7.71
N ALA A 343 -28.76 2.68 8.98
CA ALA A 343 -29.34 3.83 9.69
C ALA A 343 -28.25 4.62 10.39
N ARG A 344 -28.31 5.94 10.27
CA ARG A 344 -27.36 6.82 10.93
C ARG A 344 -27.80 7.11 12.36
N ASN A 345 -26.87 7.00 13.29
CA ASN A 345 -27.11 7.35 14.68
C ASN A 345 -25.78 7.65 15.36
N CYS A 346 -25.85 8.30 16.52
CA CYS A 346 -24.65 8.75 17.21
C CYS A 346 -23.71 7.57 17.51
N GLY A 347 -24.27 6.50 18.08
CA GLY A 347 -23.42 5.37 18.45
C GLY A 347 -22.79 4.70 17.24
N ARG A 348 -23.59 4.49 16.19
CA ARG A 348 -23.05 3.86 14.98
C ARG A 348 -21.95 4.73 14.37
N GLU A 349 -22.17 6.04 14.31
CA GLU A 349 -21.17 6.93 13.73
C GLU A 349 -19.89 6.92 14.57
N SER A 350 -20.03 6.93 15.90
CA SER A 350 -18.86 6.88 16.76
C SER A 350 -18.09 5.57 16.55
N ARG A 351 -18.81 4.45 16.45
CA ARG A 351 -18.14 3.18 16.21
C ARG A 351 -17.42 3.19 14.86
N VAL A 352 -18.04 3.78 13.84
CA VAL A 352 -17.39 3.89 12.54
C VAL A 352 -16.11 4.71 12.66
N ASP A 353 -16.14 5.79 13.42
CA ASP A 353 -14.93 6.60 13.60
C ASP A 353 -13.83 5.80 14.30
N VAL A 354 -14.19 5.06 15.34
CA VAL A 354 -13.21 4.25 16.05
C VAL A 354 -12.59 3.22 15.11
N ALA A 355 -13.44 2.59 14.29
CA ALA A 355 -12.97 1.61 13.32
C ALA A 355 -12.02 2.26 12.33
N LYS A 356 -12.37 3.46 11.85
CA LYS A 356 -11.48 4.21 10.97
C LYS A 356 -10.10 4.36 11.58
N SER A 357 -10.07 4.85 12.83
CA SER A 357 -8.78 5.11 13.47
C SER A 357 -7.96 3.82 13.59
N VAL A 358 -8.57 2.76 14.13
CA VAL A 358 -7.81 1.54 14.37
C VAL A 358 -7.36 0.92 13.06
N THR A 359 -8.21 0.93 12.04
CA THR A 359 -7.85 0.34 10.76
C THR A 359 -6.73 1.13 10.09
N SER A 360 -6.74 2.46 10.21
CA SER A 360 -5.63 3.24 9.69
C SER A 360 -4.33 2.88 10.41
N GLY A 361 -4.40 2.69 11.72
CA GLY A 361 -3.24 2.25 12.47
C GLY A 361 -2.70 0.93 11.93
N LEU A 362 -3.61 -0.01 11.69
CA LEU A 362 -3.21 -1.31 11.14
C LEU A 362 -2.57 -1.15 9.77
N GLY A 363 -3.14 -0.26 8.94
CA GLY A 363 -2.57 -0.04 7.63
C GLY A 363 -1.14 0.49 7.71
N TYR A 364 -0.89 1.45 8.59
CA TYR A 364 0.46 1.93 8.78
C TYR A 364 1.38 0.83 9.31
N MET A 365 0.85 -0.05 10.16
CA MET A 365 1.64 -1.19 10.61
C MET A 365 2.06 -2.05 9.43
N HIS A 366 1.14 -2.31 8.51
CA HIS A 366 1.47 -3.08 7.31
C HIS A 366 2.52 -2.35 6.47
N CYS A 367 2.38 -1.04 6.34
CA CYS A 367 3.33 -0.28 5.54
C CYS A 367 4.73 -0.36 6.13
N CYS A 368 4.81 -0.41 7.46
CA CYS A 368 6.10 -0.58 8.11
C CYS A 368 6.62 -2.01 7.98
N LEU A 369 5.71 -2.98 7.94
CA LEU A 369 6.14 -4.38 7.85
C LEU A 369 6.62 -4.74 6.45
N ASN A 370 6.11 -4.06 5.43
CA ASN A 370 6.37 -4.40 4.03
C ASN A 370 7.83 -4.75 3.78
N PRO A 371 8.78 -3.93 4.22
CA PRO A 371 10.19 -4.25 3.96
C PRO A 371 10.60 -5.63 4.44
N LEU A 372 10.10 -6.03 5.62
CA LEU A 372 10.47 -7.34 6.15
C LEU A 372 9.87 -8.48 5.35
N LEU A 373 8.61 -8.36 4.96
CA LEU A 373 7.89 -9.46 4.32
C LEU A 373 8.20 -9.61 2.84
N TYR A 374 8.82 -8.61 2.22
CA TYR A 374 9.07 -8.63 0.78
C TYR A 374 10.53 -8.55 0.40
N ALA A 375 11.39 -7.96 1.23
CA ALA A 375 12.78 -7.73 0.88
C ALA A 375 13.75 -8.54 1.73
N PHE A 376 13.68 -8.43 3.05
CA PHE A 376 14.72 -9.01 3.91
C PHE A 376 14.69 -10.53 3.95
N VAL A 377 13.61 -11.17 3.46
CA VAL A 377 13.51 -12.62 3.54
C VAL A 377 14.21 -13.33 2.39
N GLY A 378 14.54 -12.61 1.31
CA GLY A 378 15.17 -13.20 0.15
C GLY A 378 16.67 -13.31 0.35
N VAL A 379 17.22 -14.46 -0.05
CA VAL A 379 18.66 -14.66 0.05
C VAL A 379 19.40 -13.64 -0.80
N LYS A 380 18.87 -13.36 -1.99
CA LYS A 380 19.49 -12.37 -2.87
C LYS A 380 19.65 -11.04 -2.16
N PHE A 381 18.57 -10.53 -1.58
CA PHE A 381 18.63 -9.20 -0.96
C PHE A 381 19.51 -9.22 0.28
N ARG A 382 19.50 -10.30 1.04
CA ARG A 382 20.36 -10.36 2.23
C ARG A 382 21.83 -10.37 1.83
N GLU A 383 22.18 -11.11 0.79
CA GLU A 383 23.55 -11.07 0.28
C GLU A 383 23.91 -9.67 -0.21
N ARG A 384 22.98 -9.03 -0.92
CA ARG A 384 23.23 -7.67 -1.37
C ARG A 384 23.49 -6.74 -0.19
N MET A 385 22.67 -6.85 0.85
CA MET A 385 22.81 -5.99 2.03
C MET A 385 24.14 -6.21 2.71
N TRP A 386 24.53 -7.47 2.90
CA TRP A 386 25.81 -7.76 3.55
C TRP A 386 26.97 -7.25 2.73
N MET A 387 26.92 -7.45 1.40
CA MET A 387 27.99 -6.96 0.54
C MET A 387 28.08 -5.43 0.61
N LEU A 388 26.94 -4.75 0.57
CA LEU A 388 26.94 -3.29 0.63
C LEU A 388 27.48 -2.79 1.97
N LEU A 389 27.10 -3.44 3.07
CA LEU A 389 27.64 -3.04 4.37
C LEU A 389 29.14 -3.27 4.43
N LEU A 390 29.62 -4.37 3.84
CA LEU A 390 31.06 -4.60 3.81
C LEU A 390 31.78 -3.48 3.07
N ARG A 391 31.23 -3.03 1.95
CA ARG A 391 31.83 -1.94 1.19
C ARG A 391 31.79 -0.63 1.99
C4 A1LW2 B . -5.16 12.07 3.57
C5 A1LW2 B . -6.20 11.29 4.31
C6 A1LW2 B . -6.21 11.37 5.63
C7 A1LW2 B . -5.49 12.55 6.25
C8 A1LW2 B . -5.74 13.76 5.30
C13 A1LW2 B . -5.52 8.53 5.80
C15 A1LW2 B . -5.82 6.40 4.48
C17 A1LW2 B . -4.82 4.30 5.17
C20 A1LW2 B . -4.51 2.88 4.91
C21 A1LW2 B . -5.56 1.97 4.86
C22 A1LW2 B . -5.34 0.62 4.60
C24 A1LW2 B . -2.99 1.04 4.44
C1 A1LW2 B . -3.24 11.26 5.65
C11 A1LW2 B . -7.83 8.81 4.91
C12 A1LW2 B . -7.50 8.15 7.24
C14 A1LW2 B . -5.33 7.04 5.61
C16 A1LW2 B . -5.57 5.06 4.26
C18 A1LW2 B . -4.34 4.96 6.30
C19 A1LW2 B . -4.59 6.30 6.53
C2 A1LW2 B . -4.00 12.59 5.76
C23 A1LW2 B . -4.06 0.16 4.39
C25 A1LW2 B . -3.22 2.38 4.70
C27 A1LW2 B . -3.11 13.57 6.53
C3 A1LW2 B . -4.59 13.17 4.46
C9 A1LW2 B . -6.92 10.41 6.55
I26 A1LW2 B . -1.54 3.65 4.77
N10 A1LW2 B . -6.94 8.97 6.11
#